data_6J68
#
_entry.id   6J68
#
_cell.length_a   44.314
_cell.length_b   62.837
_cell.length_c   156.823
_cell.angle_alpha   90.00
_cell.angle_beta   90.00
_cell.angle_gamma   90.00
#
_symmetry.space_group_name_H-M   'P 21 21 21'
#
loop_
_entity.id
_entity.type
_entity.pdbx_description
1 polymer 'Protein KIBRA'
2 polymer 'Peptide from Serine/threonine-protein kinase LATS1'
3 water water
#
loop_
_entity_poly.entity_id
_entity_poly.type
_entity_poly.pdbx_seq_one_letter_code
_entity_poly.pdbx_strand_id
1 'polypeptide(L)'
;GPGSEFELPLPEGWEEARDFDGKVYYIDHRNRTTSWIDPRDRYTKPLTFADCISDELPLGWEEAYDPQVGDYFIDHNTKT
TQIEDPRVQWRREQEHMLKDYLVVAQEALSAQKEIYQVKQQRLELAQQEYQQLH
;
A,B
2 'polypeptide(L)' GPGSVAEAPSYQGPPPPYPKHLLHQNPS C,D
#
# COMPACT_ATOMS: atom_id res chain seq x y z
N GLU A 7 39.91 -5.98 -36.15
CA GLU A 7 40.64 -6.82 -37.12
C GLU A 7 39.73 -7.90 -37.70
N LEU A 8 38.45 -7.60 -37.76
CA LEU A 8 37.45 -8.50 -38.32
C LEU A 8 37.27 -8.17 -39.81
N PRO A 9 37.14 -9.19 -40.67
CA PRO A 9 37.07 -8.88 -42.10
C PRO A 9 35.76 -8.25 -42.49
N LEU A 10 35.75 -7.58 -43.63
CA LEU A 10 34.50 -7.08 -44.20
C LEU A 10 33.56 -8.23 -44.64
N PRO A 11 32.25 -8.05 -44.43
CA PRO A 11 31.32 -9.04 -45.02
C PRO A 11 31.44 -9.13 -46.55
N GLU A 12 31.18 -10.31 -47.10
CA GLU A 12 31.36 -10.52 -48.53
C GLU A 12 30.43 -9.61 -49.32
N GLY A 13 31.00 -9.03 -50.36
CA GLY A 13 30.23 -8.12 -51.20
C GLY A 13 30.48 -6.68 -50.85
N TRP A 14 31.32 -6.47 -49.82
CA TRP A 14 31.62 -5.12 -49.32
C TRP A 14 33.03 -4.70 -49.63
N GLU A 15 33.18 -3.43 -49.94
CA GLU A 15 34.45 -2.86 -50.34
C GLU A 15 34.68 -1.57 -49.59
N GLU A 16 35.84 -1.42 -48.97
CA GLU A 16 36.20 -0.15 -48.34
C GLU A 16 36.67 0.85 -49.40
N ALA A 17 36.34 2.12 -49.24
CA ALA A 17 36.65 3.14 -50.25
C ALA A 17 36.84 4.56 -49.67
N ARG A 18 37.37 5.47 -50.46
CA ARG A 18 37.61 6.84 -50.02
C ARG A 18 37.04 7.91 -50.87
N ASP A 19 36.77 9.00 -50.19
CA ASP A 19 36.24 10.25 -50.68
C ASP A 19 37.23 10.99 -51.51
N PHE A 20 36.77 12.01 -52.19
CA PHE A 20 37.65 12.99 -52.75
C PHE A 20 38.42 13.64 -51.62
N ASP A 21 37.77 13.82 -50.48
CA ASP A 21 38.39 14.40 -49.27
C ASP A 21 39.15 13.39 -48.43
N GLY A 22 39.09 12.12 -48.80
CA GLY A 22 39.77 11.11 -48.01
C GLY A 22 38.92 10.39 -46.97
N LYS A 23 37.65 10.79 -46.82
CA LYS A 23 36.76 10.16 -45.86
C LYS A 23 36.36 8.75 -46.31
N VAL A 24 36.47 7.81 -45.38
CA VAL A 24 36.20 6.40 -45.65
C VAL A 24 34.69 6.16 -45.77
N TYR A 25 34.32 5.32 -46.73
CA TYR A 25 32.96 4.83 -46.79
C TYR A 25 32.99 3.44 -47.37
N TYR A 26 31.81 2.85 -47.51
CA TYR A 26 31.70 1.42 -47.73
C TYR A 26 30.75 1.11 -48.87
N ILE A 27 31.11 0.11 -49.67
CA ILE A 27 30.35 -0.20 -50.84
C ILE A 27 29.76 -1.57 -50.68
N ASP A 28 28.45 -1.64 -50.84
CA ASP A 28 27.71 -2.90 -50.79
C ASP A 28 27.48 -3.32 -52.21
N HIS A 29 28.21 -4.32 -52.67
CA HIS A 29 28.07 -4.72 -54.07
C HIS A 29 26.81 -5.58 -54.31
N ARG A 30 26.40 -6.35 -53.30
CA ARG A 30 25.18 -7.15 -53.39
C ARG A 30 23.95 -6.26 -53.56
N ASN A 31 23.79 -5.29 -52.70
CA ASN A 31 22.66 -4.41 -52.79
C ASN A 31 22.94 -3.21 -53.63
N ARG A 32 24.15 -3.12 -54.14
CA ARG A 32 24.60 -2.00 -54.98
C ARG A 32 24.30 -0.66 -54.34
N THR A 33 24.81 -0.46 -53.13
CA THR A 33 24.59 0.79 -52.45
C THR A 33 25.86 1.22 -51.76
N THR A 34 25.87 2.43 -51.21
CA THR A 34 27.00 2.88 -50.40
C THR A 34 26.55 3.50 -49.05
N SER A 35 27.39 3.38 -48.03
CA SER A 35 27.09 3.90 -46.71
C SER A 35 28.31 4.48 -45.98
N TRP A 36 28.06 5.42 -45.08
CA TRP A 36 29.13 5.94 -44.24
C TRP A 36 29.49 4.97 -43.13
N ILE A 37 28.63 3.98 -42.89
CA ILE A 37 28.75 3.08 -41.75
C ILE A 37 29.49 1.79 -42.09
N ASP A 38 30.61 1.55 -41.42
CA ASP A 38 31.30 0.28 -41.55
C ASP A 38 30.33 -0.87 -41.28
N PRO A 39 30.14 -1.76 -42.26
CA PRO A 39 29.20 -2.88 -42.09
C PRO A 39 29.54 -3.82 -40.92
N ARG A 40 30.71 -3.65 -40.28
CA ARG A 40 31.02 -4.50 -39.16
C ARG A 40 30.52 -3.88 -37.86
N ASP A 41 30.17 -2.60 -37.92
CA ASP A 41 29.68 -1.89 -36.75
C ASP A 41 28.47 -2.60 -36.12
N ARG A 42 27.56 -3.10 -36.96
CA ARG A 42 26.46 -4.00 -36.56
C ARG A 42 26.84 -4.93 -35.41
N TYR A 43 27.97 -5.60 -35.58
CA TYR A 43 28.36 -6.69 -34.71
C TYR A 43 29.34 -6.30 -33.60
N THR A 44 29.92 -5.12 -33.67
CA THR A 44 30.97 -4.79 -32.70
C THR A 44 30.59 -3.63 -31.78
N LYS A 45 29.73 -2.75 -32.24
CA LYS A 45 29.46 -1.51 -31.50
C LYS A 45 28.23 -1.62 -30.60
N PRO A 46 28.16 -0.78 -29.55
CA PRO A 46 26.93 -0.68 -28.77
C PRO A 46 25.76 -0.12 -29.63
N LEU A 47 24.57 -0.62 -29.38
CA LEU A 47 23.42 -0.21 -30.16
C LEU A 47 22.77 1.02 -29.57
N THR A 48 23.02 1.26 -28.29
CA THR A 48 22.43 2.35 -27.56
C THR A 48 23.50 3.04 -26.71
N PHE A 49 23.24 4.25 -26.25
CA PHE A 49 24.17 4.90 -25.32
C PHE A 49 24.29 4.12 -24.02
N ALA A 50 23.23 3.40 -23.65
CA ALA A 50 23.19 2.61 -22.43
C ALA A 50 24.22 1.49 -22.50
N ASP A 51 24.32 0.84 -23.66
CA ASP A 51 25.29 -0.26 -23.82
C ASP A 51 26.73 0.21 -24.02
N CYS A 52 26.94 1.54 -24.12
CA CYS A 52 28.27 2.09 -24.34
C CYS A 52 29.20 1.82 -23.16
N ILE A 53 30.44 1.52 -23.49
CA ILE A 53 31.47 1.36 -22.49
C ILE A 53 32.50 2.46 -22.72
N SER A 54 33.01 3.04 -21.64
CA SER A 54 34.12 3.97 -21.78
C SER A 54 33.84 5.12 -22.77
N ASP A 55 34.68 5.21 -23.78
CA ASP A 55 34.67 6.21 -24.82
C ASP A 55 33.57 6.01 -25.92
N GLU A 56 32.99 4.81 -25.98
CA GLU A 56 32.25 4.35 -27.16
C GLU A 56 31.10 5.28 -27.60
N LEU A 57 30.84 5.30 -28.91
CA LEU A 57 29.65 5.94 -29.49
C LEU A 57 28.80 4.83 -30.07
N PRO A 58 27.47 4.96 -29.96
CA PRO A 58 26.58 3.92 -30.51
C PRO A 58 26.56 3.93 -32.06
N LEU A 59 26.20 2.79 -32.63
CA LEU A 59 25.99 2.62 -34.06
C LEU A 59 25.39 3.84 -34.76
N GLY A 60 26.04 4.27 -35.85
CA GLY A 60 25.55 5.40 -36.63
C GLY A 60 26.06 6.76 -36.18
N TRP A 61 26.75 6.80 -35.04
CA TRP A 61 27.30 8.07 -34.55
C TRP A 61 28.78 8.17 -34.85
N GLU A 62 29.24 9.41 -35.01
CA GLU A 62 30.64 9.62 -35.34
C GLU A 62 31.17 10.96 -34.80
N GLU A 63 32.42 10.98 -34.33
CA GLU A 63 33.08 12.25 -33.99
C GLU A 63 33.69 12.86 -35.23
N ALA A 64 33.68 14.18 -35.29
CA ALA A 64 34.28 14.90 -36.40
C ALA A 64 34.80 16.22 -35.91
N TYR A 65 35.75 16.76 -36.66
CA TYR A 65 36.39 18.02 -36.33
C TYR A 65 36.11 19.06 -37.41
N ASP A 66 35.91 20.30 -36.97
CA ASP A 66 35.73 21.41 -37.87
C ASP A 66 36.64 22.51 -37.39
N PRO A 67 37.45 23.07 -38.29
CA PRO A 67 38.50 24.03 -37.97
C PRO A 67 37.96 25.37 -37.45
N GLN A 68 36.68 25.63 -37.65
CA GLN A 68 36.11 26.85 -37.10
C GLN A 68 35.48 26.65 -35.74
N VAL A 69 34.82 25.52 -35.55
CA VAL A 69 33.96 25.38 -34.39
C VAL A 69 34.48 24.25 -33.47
N GLY A 70 35.40 23.44 -33.99
CA GLY A 70 36.02 22.40 -33.20
C GLY A 70 35.34 21.05 -33.34
N ASP A 71 35.50 20.23 -32.31
CA ASP A 71 34.91 18.89 -32.32
C ASP A 71 33.39 18.95 -32.28
N TYR A 72 32.77 18.01 -32.98
CA TYR A 72 31.32 17.89 -32.91
C TYR A 72 30.93 16.45 -33.22
N PHE A 73 29.63 16.20 -33.30
CA PHE A 73 29.14 14.83 -33.47
C PHE A 73 28.17 14.77 -34.61
N ILE A 74 28.25 13.67 -35.36
CA ILE A 74 27.39 13.42 -36.47
C ILE A 74 26.52 12.21 -36.14
N ASP A 75 25.21 12.34 -36.32
CA ASP A 75 24.31 11.21 -36.13
C ASP A 75 23.76 10.75 -37.47
N HIS A 76 24.34 9.68 -38.02
CA HIS A 76 23.88 9.20 -39.31
C HIS A 76 22.49 8.60 -39.25
N ASN A 77 22.07 8.17 -38.05
CA ASN A 77 20.74 7.59 -37.89
C ASN A 77 19.66 8.61 -38.22
N THR A 78 19.83 9.85 -37.78
CA THR A 78 18.82 10.86 -38.02
C THR A 78 19.30 11.91 -39.02
N LYS A 79 20.43 11.65 -39.65
CA LYS A 79 21.08 12.63 -40.51
C LYS A 79 21.20 14.00 -39.83
N THR A 80 21.70 14.04 -38.60
CA THR A 80 21.90 15.34 -37.94
C THR A 80 23.31 15.51 -37.38
N THR A 81 23.58 16.70 -36.86
CA THR A 81 24.84 17.04 -36.27
C THR A 81 24.61 17.87 -35.00
N GLN A 82 25.53 17.80 -34.04
CA GLN A 82 25.43 18.59 -32.84
C GLN A 82 26.82 18.79 -32.26
N ILE A 83 26.99 19.88 -31.54
CA ILE A 83 28.24 20.11 -30.80
C ILE A 83 28.29 19.38 -29.43
N GLU A 84 27.20 19.41 -28.66
CA GLU A 84 27.15 18.72 -27.35
C GLU A 84 27.38 17.22 -27.49
N ASP A 85 28.19 16.69 -26.58
CA ASP A 85 28.57 15.28 -26.57
C ASP A 85 27.36 14.47 -26.19
N PRO A 86 26.94 13.55 -27.06
CA PRO A 86 25.76 12.75 -26.75
C PRO A 86 26.00 11.77 -25.61
N ARG A 87 27.23 11.30 -25.44
CA ARG A 87 27.53 10.39 -24.32
C ARG A 87 27.35 11.15 -23.01
N VAL A 88 27.75 12.41 -22.97
CA VAL A 88 27.62 13.18 -21.76
C VAL A 88 26.16 13.60 -21.51
N GLN A 89 25.38 13.90 -22.55
CA GLN A 89 23.99 14.27 -22.30
C GLN A 89 23.27 13.05 -21.71
N TRP A 90 23.60 11.85 -22.20
CA TRP A 90 22.95 10.63 -21.71
C TRP A 90 23.31 10.42 -20.24
N ARG A 91 24.60 10.52 -19.96
CA ARG A 91 25.11 10.44 -18.59
C ARG A 91 24.30 11.31 -17.63
N ARG A 92 24.35 12.63 -17.83
CA ARG A 92 23.63 13.57 -16.97
C ARG A 92 22.18 13.22 -16.79
N GLU A 93 21.55 12.89 -17.89
CA GLU A 93 20.16 12.47 -17.93
C GLU A 93 19.90 11.33 -16.95
N GLN A 94 20.73 10.30 -16.98
CA GLN A 94 20.58 9.17 -16.08
C GLN A 94 20.87 9.62 -14.65
N GLU A 95 21.76 10.58 -14.48
CA GLU A 95 22.05 11.15 -13.16
C GLU A 95 20.84 11.86 -12.59
N HIS A 96 20.19 12.65 -13.44
CA HIS A 96 18.99 13.38 -13.06
C HIS A 96 17.83 12.43 -12.73
N MET A 97 17.76 11.28 -13.41
CA MET A 97 16.64 10.36 -13.19
C MET A 97 16.77 9.72 -11.80
N LEU A 98 17.99 9.35 -11.44
CA LEU A 98 18.30 8.75 -10.16
C LEU A 98 18.07 9.71 -9.00
N LYS A 99 18.52 10.95 -9.15
CA LYS A 99 18.34 11.96 -8.13
C LYS A 99 16.85 12.13 -7.83
N ASP A 100 16.04 12.26 -8.89
CA ASP A 100 14.61 12.45 -8.70
C ASP A 100 13.94 11.20 -8.19
N TYR A 101 14.51 10.04 -8.50
CA TYR A 101 13.90 8.82 -8.03
C TYR A 101 14.10 8.72 -6.50
N LEU A 102 15.29 9.05 -6.01
CA LEU A 102 15.57 9.00 -4.57
C LEU A 102 14.72 10.02 -3.80
N VAL A 103 14.24 11.03 -4.50
CA VAL A 103 13.43 12.05 -3.88
C VAL A 103 12.01 11.55 -3.71
N VAL A 104 11.44 10.98 -4.77
CA VAL A 104 10.19 10.23 -4.67
C VAL A 104 10.22 9.11 -3.61
N ALA A 105 11.32 8.38 -3.55
CA ALA A 105 11.45 7.32 -2.57
C ALA A 105 11.43 7.89 -1.15
N GLN A 106 12.10 9.02 -0.95
CA GLN A 106 12.18 9.62 0.36
C GLN A 106 10.82 10.16 0.75
N GLU A 107 10.05 10.60 -0.24
CA GLU A 107 8.71 11.11 0.01
C GLU A 107 7.74 9.99 0.40
N ALA A 108 7.84 8.86 -0.28
CA ALA A 108 6.97 7.73 0.04
C ALA A 108 7.26 7.20 1.43
N LEU A 109 8.54 7.09 1.75
CA LEU A 109 8.95 6.58 3.04
C LEU A 109 8.53 7.50 4.18
N SER A 110 8.51 8.80 3.91
CA SER A 110 8.17 9.77 4.93
C SER A 110 6.67 9.80 5.18
N ALA A 111 5.89 9.50 4.14
CA ALA A 111 4.45 9.42 4.28
C ALA A 111 4.08 8.25 5.19
N GLN A 112 4.80 7.14 5.02
CA GLN A 112 4.61 5.96 5.86
C GLN A 112 5.04 6.23 7.30
N LYS A 113 6.07 7.06 7.50
CA LYS A 113 6.46 7.44 8.85
C LYS A 113 5.32 8.19 9.55
N GLU A 114 4.60 9.02 8.82
CA GLU A 114 3.51 9.75 9.43
C GLU A 114 2.39 8.80 9.86
N ILE A 115 2.09 7.83 9.05
CA ILE A 115 1.05 6.91 9.36
C ILE A 115 1.32 6.14 10.63
N TYR A 116 2.53 5.69 10.81
CA TYR A 116 2.87 4.91 11.98
C TYR A 116 2.84 5.76 13.24
N GLN A 117 3.27 7.01 13.14
CA GLN A 117 3.25 7.88 14.32
C GLN A 117 1.82 8.17 14.75
N VAL A 118 0.94 8.34 13.79
CA VAL A 118 -0.48 8.54 14.06
C VAL A 118 -1.16 7.28 14.64
N LYS A 119 -0.91 6.13 14.02
CA LYS A 119 -1.34 4.86 14.59
C LYS A 119 -0.87 4.75 16.05
N GLN A 120 0.36 5.19 16.32
CA GLN A 120 0.94 5.09 17.66
C GLN A 120 0.20 5.95 18.68
N GLN A 121 -0.14 7.18 18.29
CA GLN A 121 -0.87 8.06 19.19
C GLN A 121 -2.26 7.52 19.49
N ARG A 122 -2.91 6.98 18.46
CA ARG A 122 -4.26 6.46 18.62
C ARG A 122 -4.29 5.21 19.49
N LEU A 123 -3.23 4.42 19.44
CA LEU A 123 -3.08 3.28 20.33
C LEU A 123 -2.98 3.75 21.76
N GLU A 124 -2.22 4.83 22.00
CA GLU A 124 -2.03 5.32 23.35
C GLU A 124 -3.29 5.96 23.92
N LEU A 125 -4.03 6.64 23.05
CA LEU A 125 -5.29 7.25 23.45
C LEU A 125 -6.29 6.20 23.91
N ALA A 126 -6.23 5.02 23.29
CA ALA A 126 -7.05 3.89 23.69
C ALA A 126 -6.64 3.34 25.07
N GLN A 127 -5.37 3.47 25.44
CA GLN A 127 -4.90 3.05 26.76
C GLN A 127 -5.49 3.97 27.85
N GLN A 128 -5.38 5.28 27.65
CA GLN A 128 -5.98 6.31 28.51
C GLN A 128 -7.46 6.07 28.78
N GLU A 129 -8.21 5.81 27.72
CA GLU A 129 -9.65 5.50 27.79
C GLU A 129 -9.91 4.00 27.91
N LEU B 8 -45.75 3.88 30.16
CA LEU B 8 -46.28 3.33 31.40
C LEU B 8 -47.28 2.19 31.14
N PRO B 9 -48.20 2.31 30.15
CA PRO B 9 -49.09 1.14 30.04
C PRO B 9 -48.39 -0.10 29.47
N LEU B 10 -49.05 -1.24 29.61
CA LEU B 10 -48.59 -2.47 28.99
C LEU B 10 -48.85 -2.45 27.48
N PRO B 11 -47.94 -3.04 26.69
CA PRO B 11 -48.16 -3.10 25.25
C PRO B 11 -49.37 -3.97 24.95
N GLU B 12 -50.03 -3.69 23.83
CA GLU B 12 -51.23 -4.41 23.45
C GLU B 12 -50.92 -5.90 23.37
N GLY B 13 -51.74 -6.71 24.02
CA GLY B 13 -51.56 -8.14 24.02
C GLY B 13 -51.05 -8.68 25.34
N TRP B 14 -50.51 -7.80 26.18
CA TRP B 14 -49.81 -8.20 27.40
C TRP B 14 -50.63 -8.06 28.67
N GLU B 15 -50.48 -9.02 29.58
CA GLU B 15 -51.22 -9.01 30.82
C GLU B 15 -50.32 -9.27 32.03
N GLU B 16 -50.45 -8.42 33.03
CA GLU B 16 -49.77 -8.62 34.29
C GLU B 16 -50.50 -9.66 35.13
N ALA B 17 -49.74 -10.42 35.92
CA ALA B 17 -50.29 -11.48 36.77
C ALA B 17 -49.38 -11.68 37.97
N ARG B 18 -49.81 -12.54 38.90
CA ARG B 18 -49.00 -12.86 40.08
C ARG B 18 -48.90 -14.36 40.28
N ASP B 19 -47.76 -14.79 40.81
CA ASP B 19 -47.42 -16.20 40.99
C ASP B 19 -48.27 -16.87 42.07
N PHE B 20 -47.94 -18.12 42.38
CA PHE B 20 -48.48 -18.77 43.56
C PHE B 20 -47.94 -18.07 44.83
N ASP B 21 -46.78 -17.45 44.69
CA ASP B 21 -46.09 -16.81 45.82
C ASP B 21 -46.78 -15.56 46.41
N GLY B 22 -47.15 -14.53 45.63
CA GLY B 22 -47.07 -14.49 44.18
C GLY B 22 -46.17 -13.40 43.62
N LYS B 23 -45.01 -13.81 43.11
CA LYS B 23 -44.15 -12.94 42.34
C LYS B 23 -44.85 -12.54 41.03
N VAL B 24 -44.66 -11.29 40.60
CA VAL B 24 -45.25 -10.82 39.34
C VAL B 24 -44.64 -11.54 38.14
N TYR B 25 -45.46 -11.83 37.14
CA TYR B 25 -44.95 -12.23 35.85
C TYR B 25 -45.85 -11.62 34.79
N TYR B 26 -45.62 -11.93 33.53
CA TYR B 26 -46.33 -11.21 32.48
C TYR B 26 -46.75 -12.15 31.36
N ILE B 27 -47.90 -11.85 30.76
CA ILE B 27 -48.51 -12.78 29.83
C ILE B 27 -48.67 -12.13 28.48
N ASP B 28 -48.19 -12.83 27.46
CA ASP B 28 -48.23 -12.33 26.09
C ASP B 28 -49.31 -13.10 25.34
N HIS B 29 -50.52 -12.53 25.35
CA HIS B 29 -51.65 -13.18 24.69
C HIS B 29 -51.51 -13.13 23.19
N ARG B 30 -50.67 -12.20 22.70
CA ARG B 30 -50.45 -12.09 21.27
C ARG B 30 -49.57 -13.24 20.78
N ASN B 31 -48.67 -13.72 21.65
CA ASN B 31 -47.76 -14.80 21.26
C ASN B 31 -47.83 -16.01 22.17
N ARG B 32 -48.86 -16.04 23.04
CA ARG B 32 -49.11 -17.17 23.93
C ARG B 32 -47.89 -17.65 24.71
N THR B 33 -47.13 -16.72 25.30
CA THR B 33 -46.05 -17.08 26.22
C THR B 33 -46.10 -16.28 27.51
N THR B 34 -45.34 -16.71 28.50
CA THR B 34 -45.29 -16.00 29.76
C THR B 34 -43.84 -15.66 30.07
N SER B 35 -43.61 -14.71 30.97
CA SER B 35 -42.27 -14.22 31.25
C SER B 35 -42.15 -13.46 32.56
N TRP B 36 -40.94 -13.43 33.11
CA TRP B 36 -40.66 -12.67 34.31
C TRP B 36 -40.38 -11.20 33.97
N ILE B 37 -39.99 -10.95 32.73
CA ILE B 37 -39.54 -9.61 32.36
C ILE B 37 -40.68 -8.71 31.95
N ASP B 38 -40.86 -7.65 32.72
CA ASP B 38 -41.83 -6.59 32.42
C ASP B 38 -41.64 -6.14 30.98
N PRO B 39 -42.66 -6.35 30.14
CA PRO B 39 -42.53 -6.09 28.70
C PRO B 39 -42.33 -4.62 28.35
N ARG B 40 -42.22 -3.76 29.35
CA ARG B 40 -42.03 -2.33 29.12
C ARG B 40 -40.55 -1.96 29.23
N ASP B 41 -39.80 -2.86 29.86
CA ASP B 41 -38.39 -2.62 30.10
C ASP B 41 -37.62 -2.48 28.78
N ARG B 42 -38.03 -3.21 27.75
CA ARG B 42 -37.38 -3.11 26.43
C ARG B 42 -37.22 -1.65 26.00
N TYR B 43 -38.15 -0.82 26.45
CA TYR B 43 -38.26 0.56 25.98
C TYR B 43 -37.61 1.59 26.92
N THR B 44 -37.46 1.23 28.19
CA THR B 44 -36.99 2.18 29.20
C THR B 44 -35.65 1.80 29.79
N LYS B 45 -35.27 0.53 29.65
CA LYS B 45 -34.04 0.00 30.22
C LYS B 45 -32.86 0.04 29.23
N PRO B 46 -31.63 0.13 29.76
CA PRO B 46 -30.39 -0.04 28.95
C PRO B 46 -30.23 -1.50 28.51
N LEU B 47 -29.87 -1.74 27.25
CA LEU B 47 -29.87 -3.13 26.77
C LEU B 47 -28.53 -3.82 27.00
N THR B 48 -27.46 -3.05 27.23
CA THR B 48 -26.14 -3.59 27.55
C THR B 48 -25.54 -2.97 28.81
N PHE B 49 -24.45 -3.55 29.30
CA PHE B 49 -23.78 -2.99 30.47
C PHE B 49 -23.11 -1.66 30.12
N ALA B 50 -22.80 -1.46 28.84
CA ALA B 50 -22.21 -0.21 28.39
C ALA B 50 -23.17 0.96 28.55
N ASP B 51 -24.46 0.64 28.47
CA ASP B 51 -25.53 1.65 28.38
C ASP B 51 -26.04 2.21 29.71
N CYS B 52 -25.71 1.55 30.82
CA CYS B 52 -26.23 1.95 32.13
C CYS B 52 -25.83 3.35 32.62
N ILE B 53 -26.73 3.97 33.37
CA ILE B 53 -26.43 5.21 34.05
C ILE B 53 -26.95 5.03 35.48
N SER B 54 -26.44 5.84 36.41
CA SER B 54 -26.91 5.78 37.80
C SER B 54 -26.86 4.34 38.36
N ASP B 55 -27.97 3.88 38.97
CA ASP B 55 -28.01 2.58 39.65
C ASP B 55 -28.63 1.46 38.79
N GLU B 56 -28.59 1.64 37.47
CA GLU B 56 -29.24 0.74 36.51
C GLU B 56 -28.62 -0.65 36.29
N LEU B 57 -29.48 -1.62 35.96
CA LEU B 57 -29.07 -2.92 35.45
C LEU B 57 -29.70 -3.13 34.07
N PRO B 58 -29.00 -3.82 33.17
CA PRO B 58 -29.56 -4.02 31.84
C PRO B 58 -30.82 -4.86 31.84
N LEU B 59 -31.59 -4.74 30.76
CA LEU B 59 -32.73 -5.58 30.46
C LEU B 59 -32.55 -7.03 30.88
N GLY B 60 -33.44 -7.52 31.73
CA GLY B 60 -33.42 -8.91 32.15
C GLY B 60 -32.69 -9.17 33.45
N TRP B 61 -32.03 -8.15 34.00
CA TRP B 61 -31.29 -8.33 35.23
C TRP B 61 -32.14 -7.91 36.40
N GLU B 62 -31.92 -8.56 37.52
CA GLU B 62 -32.72 -8.34 38.72
C GLU B 62 -31.84 -8.33 39.96
N GLU B 63 -32.12 -7.42 40.88
CA GLU B 63 -31.50 -7.51 42.20
C GLU B 63 -32.33 -8.47 43.05
N ALA B 64 -31.70 -9.08 44.05
CA ALA B 64 -32.39 -10.04 44.87
C ALA B 64 -31.77 -10.13 46.26
N TYR B 65 -32.25 -11.10 47.04
CA TYR B 65 -31.86 -11.27 48.44
C TYR B 65 -32.15 -12.72 48.83
N ASP B 66 -31.30 -13.27 49.69
CA ASP B 66 -31.54 -14.53 50.36
C ASP B 66 -31.05 -14.31 51.78
N PRO B 67 -31.83 -14.72 52.79
CA PRO B 67 -31.37 -14.54 54.17
C PRO B 67 -30.11 -15.36 54.47
N GLN B 68 -29.92 -16.45 53.72
CA GLN B 68 -28.79 -17.34 53.91
C GLN B 68 -27.61 -17.05 52.97
N VAL B 69 -27.83 -16.16 51.99
CA VAL B 69 -26.74 -15.74 51.10
C VAL B 69 -26.56 -14.22 51.08
N GLY B 70 -27.64 -13.49 50.96
CA GLY B 70 -27.58 -12.03 50.82
C GLY B 70 -27.97 -11.59 49.41
N ASP B 71 -27.65 -10.33 49.09
CA ASP B 71 -27.93 -9.75 47.77
C ASP B 71 -27.27 -10.51 46.61
N TYR B 72 -28.03 -11.33 45.88
CA TYR B 72 -27.48 -11.86 44.64
C TYR B 72 -28.10 -11.13 43.43
N PHE B 73 -27.69 -11.51 42.23
CA PHE B 73 -28.26 -10.92 41.04
C PHE B 73 -28.83 -12.05 40.20
N ILE B 74 -29.99 -11.76 39.58
CA ILE B 74 -30.67 -12.73 38.73
C ILE B 74 -30.57 -12.28 37.28
N ASP B 75 -30.20 -13.20 36.41
CA ASP B 75 -30.08 -12.89 34.99
C ASP B 75 -31.08 -13.75 34.23
N HIS B 76 -32.24 -13.17 33.93
CA HIS B 76 -33.28 -13.91 33.23
C HIS B 76 -32.90 -14.18 31.79
N ASN B 77 -31.94 -13.43 31.27
CA ASN B 77 -31.49 -13.58 29.89
C ASN B 77 -30.78 -14.91 29.70
N THR B 78 -30.08 -15.34 30.74
CA THR B 78 -29.31 -16.58 30.69
C THR B 78 -29.93 -17.64 31.58
N LYS B 79 -30.97 -17.26 32.32
CA LYS B 79 -31.55 -18.11 33.34
C LYS B 79 -30.45 -18.58 34.30
N THR B 80 -29.67 -17.62 34.80
CA THR B 80 -28.62 -17.88 35.79
C THR B 80 -28.68 -16.88 36.92
N THR B 81 -27.92 -17.15 37.97
CA THR B 81 -27.85 -16.26 39.12
C THR B 81 -26.40 -16.18 39.53
N GLN B 82 -26.05 -15.10 40.22
CA GLN B 82 -24.67 -14.91 40.63
C GLN B 82 -24.63 -13.94 41.80
N ILE B 83 -23.53 -13.96 42.54
CA ILE B 83 -23.40 -13.12 43.74
C ILE B 83 -22.83 -11.74 43.41
N GLU B 84 -21.81 -11.70 42.55
CA GLU B 84 -21.10 -10.44 42.31
C GLU B 84 -21.87 -9.49 41.40
N ASP B 85 -21.77 -8.20 41.68
CA ASP B 85 -22.30 -7.17 40.83
C ASP B 85 -21.86 -7.40 39.38
N PRO B 86 -22.81 -7.66 38.51
CA PRO B 86 -22.56 -7.87 37.08
C PRO B 86 -21.95 -6.64 36.46
N ARG B 87 -22.19 -5.47 37.05
CA ARG B 87 -21.58 -4.27 36.52
C ARG B 87 -20.07 -4.25 36.80
N VAL B 88 -19.67 -4.71 37.97
CA VAL B 88 -18.26 -4.73 38.33
C VAL B 88 -17.53 -5.79 37.52
N GLN B 89 -18.07 -7.00 37.52
CA GLN B 89 -17.55 -8.09 36.71
C GLN B 89 -17.32 -7.66 35.25
N TRP B 90 -18.30 -6.95 34.69
CA TRP B 90 -18.20 -6.48 33.32
C TRP B 90 -17.03 -5.50 33.14
N ARG B 91 -16.96 -4.47 33.99
CA ARG B 91 -15.91 -3.44 33.88
C ARG B 91 -14.52 -4.09 33.96
N ARG B 92 -14.40 -5.15 34.73
CA ARG B 92 -13.14 -5.87 34.87
C ARG B 92 -12.81 -6.65 33.60
N GLU B 93 -13.81 -7.32 33.04
CA GLU B 93 -13.59 -8.16 31.88
C GLU B 93 -13.34 -7.33 30.63
N GLN B 94 -13.74 -6.06 30.68
CA GLN B 94 -13.52 -5.17 29.57
C GLN B 94 -12.09 -4.72 29.60
N GLU B 95 -11.64 -4.37 30.80
CA GLU B 95 -10.31 -3.80 30.98
C GLU B 95 -9.24 -4.85 30.70
N HIS B 96 -9.53 -6.12 31.03
CA HIS B 96 -8.61 -7.21 30.70
C HIS B 96 -8.51 -7.42 29.19
N MET B 97 -9.67 -7.57 28.55
CA MET B 97 -9.71 -7.81 27.12
C MET B 97 -9.06 -6.66 26.34
N LEU B 98 -9.19 -5.44 26.87
CA LEU B 98 -8.59 -4.29 26.22
C LEU B 98 -7.07 -4.28 26.37
N LYS B 99 -6.59 -4.53 27.58
CA LYS B 99 -5.15 -4.58 27.80
C LYS B 99 -4.54 -5.66 26.90
N ASP B 100 -5.13 -6.87 26.88
CA ASP B 100 -4.61 -7.95 26.03
C ASP B 100 -4.47 -7.50 24.58
N TYR B 101 -5.52 -6.83 24.10
CA TYR B 101 -5.63 -6.45 22.69
C TYR B 101 -4.68 -5.33 22.34
N LEU B 102 -4.47 -4.39 23.27
CA LEU B 102 -3.55 -3.30 22.97
C LEU B 102 -2.09 -3.81 22.89
N VAL B 103 -1.76 -4.81 23.71
CA VAL B 103 -0.47 -5.50 23.62
C VAL B 103 -0.25 -6.07 22.22
N VAL B 104 -1.25 -6.78 21.67
CA VAL B 104 -1.18 -7.34 20.32
C VAL B 104 -1.03 -6.25 19.27
N ALA B 105 -1.78 -5.17 19.46
CA ALA B 105 -1.74 -4.05 18.52
C ALA B 105 -0.40 -3.33 18.65
N GLN B 106 0.09 -3.19 19.88
CA GLN B 106 1.38 -2.53 20.05
C GLN B 106 2.52 -3.33 19.38
N GLU B 107 2.44 -4.66 19.50
CA GLU B 107 3.49 -5.54 18.99
C GLU B 107 3.56 -5.44 17.48
N ALA B 108 2.40 -5.46 16.84
CA ALA B 108 2.31 -5.26 15.41
C ALA B 108 2.86 -3.88 15.00
N LEU B 109 2.46 -2.85 15.73
CA LEU B 109 2.91 -1.52 15.42
C LEU B 109 4.44 -1.43 15.56
N SER B 110 4.98 -1.97 16.64
CA SER B 110 6.42 -1.94 16.85
C SER B 110 7.22 -2.63 15.75
N ALA B 111 6.66 -3.70 15.20
CA ALA B 111 7.33 -4.44 14.15
C ALA B 111 7.48 -3.55 12.91
N GLN B 112 6.38 -2.90 12.53
CA GLN B 112 6.35 -1.94 11.42
C GLN B 112 7.31 -0.76 11.61
N LYS B 113 7.45 -0.27 12.82
CA LYS B 113 8.39 0.81 13.10
C LYS B 113 9.81 0.38 12.83
N GLU B 114 10.16 -0.80 13.32
CA GLU B 114 11.50 -1.32 13.10
C GLU B 114 11.79 -1.36 11.61
N ILE B 115 10.80 -1.84 10.84
CA ILE B 115 10.92 -1.98 9.41
C ILE B 115 11.05 -0.64 8.73
N TYR B 116 10.11 0.26 9.01
CA TYR B 116 10.22 1.62 8.52
C TYR B 116 11.64 2.17 8.83
N GLN B 117 12.09 2.01 10.07
CA GLN B 117 13.29 2.67 10.53
C GLN B 117 14.54 2.22 9.73
N VAL B 118 14.61 0.93 9.40
CA VAL B 118 15.78 0.44 8.67
C VAL B 118 15.69 0.75 7.17
N LYS B 119 14.47 0.84 6.66
CA LYS B 119 14.30 1.17 5.25
C LYS B 119 14.75 2.59 5.01
N GLN B 120 14.48 3.44 6.01
CA GLN B 120 14.92 4.82 6.02
C GLN B 120 16.45 4.90 5.97
N GLN B 121 17.13 4.08 6.78
CA GLN B 121 18.59 4.10 6.83
C GLN B 121 19.19 3.63 5.52
N ARG B 122 18.66 2.53 5.02
CA ARG B 122 19.08 1.97 3.74
C ARG B 122 18.93 2.96 2.57
N LEU B 123 17.82 3.71 2.56
CA LEU B 123 17.61 4.69 1.52
C LEU B 123 18.63 5.81 1.67
N GLU B 124 18.84 6.24 2.91
CA GLU B 124 19.77 7.30 3.21
C GLU B 124 21.13 6.93 2.66
N LEU B 125 21.56 5.71 2.97
CA LEU B 125 22.83 5.21 2.52
C LEU B 125 22.93 5.21 1.00
N ALA B 126 21.81 4.99 0.34
CA ALA B 126 21.78 5.03 -1.13
C ALA B 126 22.02 6.45 -1.69
N GLN B 127 21.48 7.49 -1.05
CA GLN B 127 21.81 8.85 -1.49
C GLN B 127 23.22 9.22 -1.03
N GLN B 128 24.23 8.65 -1.68
CA GLN B 128 25.63 8.89 -1.35
C GLN B 128 26.52 8.11 -2.30
N ALA C 6 29.05 28.48 -32.67
CA ALA C 6 28.37 27.73 -31.63
C ALA C 6 27.46 26.65 -32.24
N GLU C 7 27.30 26.67 -33.56
CA GLU C 7 26.51 25.64 -34.25
C GLU C 7 27.45 24.67 -34.99
N ALA C 8 27.06 23.40 -35.06
CA ALA C 8 27.82 22.40 -35.80
C ALA C 8 27.56 22.54 -37.30
N PRO C 9 28.55 22.19 -38.13
CA PRO C 9 28.32 22.19 -39.59
C PRO C 9 27.13 21.30 -39.97
N SER C 10 26.43 21.62 -41.05
CA SER C 10 25.27 20.82 -41.41
C SER C 10 25.69 19.40 -41.81
N TYR C 11 24.72 18.48 -41.80
CA TYR C 11 24.98 17.10 -42.14
C TYR C 11 25.44 17.00 -43.62
N GLN C 12 26.67 16.53 -43.83
CA GLN C 12 27.27 16.42 -45.17
C GLN C 12 26.37 15.80 -46.25
N GLY C 13 25.61 14.76 -45.92
CA GLY C 13 24.85 14.05 -46.93
C GLY C 13 25.37 12.65 -47.21
N PRO C 14 24.86 12.00 -48.27
CA PRO C 14 25.21 10.60 -48.53
C PRO C 14 26.63 10.47 -49.07
N PRO C 15 27.23 9.27 -48.99
CA PRO C 15 28.57 9.12 -49.57
C PRO C 15 28.50 9.07 -51.10
N PRO C 16 29.62 8.85 -51.78
CA PRO C 16 29.46 8.77 -53.23
C PRO C 16 28.56 7.63 -53.61
N PRO C 17 27.73 7.82 -54.65
CA PRO C 17 26.82 6.80 -55.16
C PRO C 17 27.54 5.56 -55.64
N TYR C 18 26.89 4.40 -55.57
CA TYR C 18 27.41 3.17 -56.13
C TYR C 18 27.95 3.45 -57.54
N PRO C 19 29.12 2.88 -57.89
CA PRO C 19 29.74 3.19 -59.20
C PRO C 19 28.82 2.88 -60.40
N LYS C 20 28.52 3.88 -61.23
CA LYS C 20 27.60 3.68 -62.35
C LYS C 20 28.14 2.70 -63.38
N HIS C 21 29.46 2.58 -63.53
CA HIS C 21 30.04 1.66 -64.50
C HIS C 21 29.96 0.21 -64.06
N LEU C 22 29.43 -0.01 -62.87
CA LEU C 22 29.30 -1.36 -62.35
C LEU C 22 27.86 -1.87 -62.39
N LEU C 23 26.92 -1.02 -62.82
CA LEU C 23 25.50 -1.39 -62.80
C LEU C 23 25.12 -2.32 -63.95
N HIS C 24 25.51 -1.96 -65.17
CA HIS C 24 25.10 -2.73 -66.35
C HIS C 24 26.34 -3.35 -67.01
N ALA D 8 -24.36 -19.09 45.29
CA ALA D 8 -25.35 -18.27 44.59
C ALA D 8 -26.71 -18.98 44.47
N PRO D 9 -27.72 -18.51 45.23
CA PRO D 9 -29.08 -19.08 45.28
C PRO D 9 -29.65 -19.37 43.91
N SER D 10 -30.11 -20.60 43.68
CA SER D 10 -30.39 -21.09 42.33
C SER D 10 -31.51 -20.34 41.59
N TYR D 11 -31.49 -20.46 40.27
CA TYR D 11 -32.42 -19.71 39.43
C TYR D 11 -33.82 -20.29 39.54
N GLN D 12 -34.81 -19.41 39.62
CA GLN D 12 -36.19 -19.76 40.00
C GLN D 12 -36.93 -20.64 39.00
N GLY D 13 -36.39 -20.80 37.81
CA GLY D 13 -37.10 -21.54 36.76
C GLY D 13 -38.14 -20.66 36.11
N PRO D 14 -38.73 -21.15 35.01
CA PRO D 14 -39.72 -20.39 34.21
C PRO D 14 -40.96 -19.95 34.99
N PRO D 15 -41.73 -18.99 34.45
CA PRO D 15 -43.00 -18.67 35.08
C PRO D 15 -44.07 -19.66 34.62
N PRO D 16 -45.20 -19.72 35.36
CA PRO D 16 -46.42 -20.42 34.96
C PRO D 16 -46.64 -20.30 33.46
N PRO D 17 -46.80 -21.42 32.79
CA PRO D 17 -46.95 -21.41 31.35
C PRO D 17 -48.19 -20.71 30.96
N TYR D 18 -48.25 -20.29 29.71
CA TYR D 18 -49.40 -19.60 29.20
C TYR D 18 -50.66 -20.45 29.29
N PRO D 19 -51.77 -19.84 29.91
CA PRO D 19 -52.91 -20.77 30.09
C PRO D 19 -53.74 -21.37 28.90
N LYS D 20 -54.22 -20.59 27.93
CA LYS D 20 -55.00 -21.17 26.83
C LYS D 20 -55.67 -20.14 25.94
#